data_7UJ1
#
_entry.id   7UJ1
#
_cell.length_a   186.738
_cell.length_b   186.738
_cell.length_c   55.372
_cell.angle_alpha   90.000
_cell.angle_beta   90.000
_cell.angle_gamma   120.000
#
_symmetry.space_group_name_H-M   'P 3 2 1'
#
loop_
_entity.id
_entity.type
_entity.pdbx_description
1 polymer 'Splicing factor, proline- and glutamine-rich'
2 polymer 'RNA (30-MER)'
3 water water
#
loop_
_entity_poly.entity_id
_entity_poly.type
_entity_poly.pdbx_seq_one_letter_code
_entity_poly.pdbx_strand_id
1 'polypeptide(L)'
;MKHHHHHHPMSDYDIPTTENLYFQGAMGGPKPGGGPGLSTPGGHPKPPHRGGGEPRGGRQHHPPYHQQHHQGPPPGGPGG
RSEEKISDSEGFKANLSLLRRPGEKTYTQRCRLFVGNLPADITEDEFKRLFAKYGEPGEVFINKGKGFGFIKLESRALAE
IAKAELDDTPMRGRQLRVRFATHAAALSVRNLSPYVSNELLEEAFSQFGPIERAVVIVDDRGRSTGKGIVEFASKPAARK
AFERCSEGVFLLTTTPRPVIVEPLEQLDDEDGLPEKLAQKNPMYQKERETPPRFAQHGTFEYEYSQRWKSLDEMEKQQRE
QVEKNMKDAKDKLESEMEDAYHEHQANLLRQDLMRRQEELRRMEELHNQEMQKRKEMQLRQEEERRRREEEMMIRQREME
EQMRRQREESYS
;
A,B
2 'polyribonucleotide' UUUUUUUUUUUUUUUUUUUUUUUUUUUUUU D,E
#
loop_
_chem_comp.id
_chem_comp.type
_chem_comp.name
_chem_comp.formula
U RNA linking URIDINE-5'-MONOPHOSPHATE 'C9 H13 N2 O9 P'
#
# COMPACT_ATOMS: atom_id res chain seq x y z
N SER A 87 -19.53 -8.38 20.32
CA SER A 87 -19.25 -8.43 18.88
C SER A 87 -19.55 -7.08 18.25
N ASP A 88 -19.31 -7.05 16.94
CA ASP A 88 -19.62 -5.93 16.08
C ASP A 88 -21.14 -5.89 15.82
N SER A 89 -21.78 -4.78 16.21
CA SER A 89 -23.10 -4.39 15.71
C SER A 89 -23.00 -4.57 14.20
N GLU A 90 -24.11 -4.96 13.59
CA GLU A 90 -24.18 -5.23 12.17
C GLU A 90 -24.11 -3.88 11.40
N GLY A 91 -24.65 -2.79 11.96
CA GLY A 91 -24.93 -1.53 11.26
C GLY A 91 -26.24 -0.87 11.74
N PHE A 92 -26.84 0.03 10.93
CA PHE A 92 -28.15 0.66 11.12
C PHE A 92 -28.31 1.55 9.92
N LYS A 93 -29.50 2.14 9.76
CA LYS A 93 -29.63 2.98 8.57
C LYS A 93 -28.79 4.25 8.78
N ALA A 94 -28.79 4.69 10.04
CA ALA A 94 -27.85 5.62 10.62
C ALA A 94 -26.50 5.35 9.99
N ASN A 95 -26.02 4.17 10.36
CA ASN A 95 -24.65 3.79 10.15
C ASN A 95 -24.30 3.91 8.67
N LEU A 96 -25.28 3.65 7.79
CA LEU A 96 -24.89 3.33 6.45
C LEU A 96 -24.27 4.54 5.74
N SER A 97 -24.87 5.71 5.91
CA SER A 97 -24.33 6.92 5.32
C SER A 97 -22.97 7.30 5.92
N LEU A 98 -22.75 6.95 7.21
CA LEU A 98 -21.50 7.19 7.93
C LEU A 98 -20.39 6.43 7.23
N LEU A 99 -20.67 5.14 7.09
CA LEU A 99 -19.72 4.20 6.54
C LEU A 99 -19.26 4.61 5.13
N ARG A 100 -19.94 5.62 4.55
CA ARG A 100 -19.50 6.14 3.28
C ARG A 100 -18.26 7.01 3.50
N ARG A 101 -17.07 6.43 3.24
CA ARG A 101 -15.84 7.18 3.34
C ARG A 101 -16.00 8.54 2.69
N PRO A 102 -15.54 9.63 3.32
CA PRO A 102 -15.75 10.98 2.79
C PRO A 102 -14.89 11.23 1.54
N GLY A 103 -17.45 12.02 -0.26
CA GLY A 103 -17.28 11.82 -1.71
C GLY A 103 -16.64 10.47 -2.09
N GLU A 104 -17.15 9.36 -1.56
CA GLU A 104 -16.94 8.06 -2.18
C GLU A 104 -18.17 7.81 -3.05
N LYS A 105 -17.95 7.26 -4.25
CA LYS A 105 -19.10 6.86 -5.04
C LYS A 105 -19.54 5.48 -4.57
N THR A 106 -20.85 5.30 -4.36
CA THR A 106 -21.32 4.02 -3.85
C THR A 106 -21.20 2.93 -4.91
N TYR A 107 -21.07 1.69 -4.43
CA TYR A 107 -21.02 0.46 -5.22
C TYR A 107 -19.93 0.49 -6.27
N THR A 108 -18.80 1.17 -5.95
CA THR A 108 -17.60 1.00 -6.75
C THR A 108 -17.25 -0.47 -6.82
N GLN A 109 -16.47 -0.82 -7.84
CA GLN A 109 -15.94 -2.16 -7.94
C GLN A 109 -15.22 -2.50 -6.63
N ARG A 110 -14.65 -1.48 -5.98
CA ARG A 110 -13.91 -1.70 -4.76
C ARG A 110 -14.86 -2.22 -3.68
N CYS A 111 -16.16 -2.22 -3.98
CA CYS A 111 -17.13 -2.70 -3.02
C CYS A 111 -17.43 -4.18 -3.27
N ARG A 112 -17.51 -4.60 -4.55
CA ARG A 112 -17.77 -5.98 -4.91
C ARG A 112 -16.93 -6.95 -4.07
N LEU A 113 -17.56 -8.07 -3.67
CA LEU A 113 -16.95 -9.06 -2.80
C LEU A 113 -17.10 -10.44 -3.42
N PHE A 114 -16.05 -11.24 -3.35
CA PHE A 114 -16.16 -12.63 -3.79
C PHE A 114 -16.44 -13.51 -2.58
N VAL A 115 -17.59 -14.18 -2.62
CA VAL A 115 -17.81 -15.27 -1.69
C VAL A 115 -17.59 -16.57 -2.43
N GLY A 116 -16.60 -17.30 -1.95
CA GLY A 116 -16.36 -18.62 -2.52
C GLY A 116 -16.89 -19.66 -1.55
N ASN A 117 -17.09 -20.88 -2.06
CA ASN A 117 -17.18 -22.09 -1.26
C ASN A 117 -18.65 -22.49 -1.01
N LEU A 118 -19.60 -21.83 -1.67
CA LEU A 118 -21.00 -22.05 -1.32
C LEU A 118 -21.51 -23.33 -1.97
N PRO A 119 -22.56 -24.01 -1.43
CA PRO A 119 -23.01 -25.29 -1.99
C PRO A 119 -23.62 -25.04 -3.37
N ALA A 120 -23.98 -26.12 -4.05
CA ALA A 120 -24.45 -26.00 -5.43
C ALA A 120 -25.89 -25.48 -5.46
N ASP A 121 -26.71 -25.93 -4.49
CA ASP A 121 -28.14 -25.69 -4.46
C ASP A 121 -28.45 -24.41 -3.71
N ILE A 122 -27.43 -23.56 -3.57
CA ILE A 122 -27.62 -22.22 -3.03
C ILE A 122 -28.43 -21.43 -4.05
N THR A 123 -29.50 -20.77 -3.56
CA THR A 123 -30.43 -20.03 -4.41
C THR A 123 -29.94 -18.61 -4.57
N GLU A 124 -30.51 -17.86 -5.54
CA GLU A 124 -30.19 -16.45 -5.76
C GLU A 124 -30.56 -15.60 -4.54
N ASP A 125 -31.70 -15.89 -3.93
CA ASP A 125 -32.17 -15.06 -2.85
C ASP A 125 -31.63 -15.56 -1.52
N GLU A 126 -30.88 -16.67 -1.53
CA GLU A 126 -30.41 -17.29 -0.30
C GLU A 126 -29.09 -16.66 0.12
N PHE A 127 -28.22 -16.50 -0.89
CA PHE A 127 -27.16 -15.51 -0.95
C PHE A 127 -27.69 -14.17 -0.42
N LYS A 128 -28.27 -13.35 -1.32
CA LYS A 128 -28.83 -12.02 -1.08
C LYS A 128 -29.35 -11.81 0.35
N ARG A 129 -29.76 -12.93 0.99
CA ARG A 129 -30.32 -12.97 2.34
C ARG A 129 -29.17 -12.81 3.33
N LEU A 130 -28.08 -13.52 3.06
CA LEU A 130 -26.84 -13.48 3.83
C LEU A 130 -26.35 -12.05 4.08
N PHE A 131 -26.63 -11.14 3.15
CA PHE A 131 -26.19 -9.75 3.14
C PHE A 131 -27.42 -8.87 2.97
N ALA A 132 -28.52 -9.35 3.59
CA ALA A 132 -29.67 -8.53 3.89
C ALA A 132 -29.18 -7.60 4.97
N LYS A 133 -28.40 -8.20 5.88
CA LYS A 133 -27.77 -7.50 6.98
C LYS A 133 -27.15 -6.20 6.49
N TYR A 134 -26.61 -6.17 5.26
CA TYR A 134 -25.65 -5.13 4.92
C TYR A 134 -26.18 -4.09 3.93
N GLY A 135 -27.46 -3.75 4.07
CA GLY A 135 -28.03 -2.65 3.30
C GLY A 135 -28.59 -3.14 1.98
N GLU A 136 -29.12 -2.21 1.19
CA GLU A 136 -29.66 -2.58 -0.11
C GLU A 136 -28.50 -3.18 -0.92
N PRO A 137 -28.45 -4.51 -1.18
CA PRO A 137 -27.44 -5.07 -2.11
C PRO A 137 -27.39 -4.41 -3.50
N GLY A 138 -26.61 -5.00 -4.41
CA GLY A 138 -26.42 -4.47 -5.75
C GLY A 138 -25.96 -5.57 -6.71
N GLU A 139 -25.27 -5.18 -7.78
CA GLU A 139 -24.66 -6.14 -8.69
C GLU A 139 -24.28 -7.44 -7.98
N VAL A 140 -25.23 -8.40 -7.98
CA VAL A 140 -25.05 -9.73 -7.42
C VAL A 140 -25.09 -10.77 -8.54
N PHE A 141 -24.36 -11.90 -8.36
CA PHE A 141 -24.11 -12.92 -9.38
C PHE A 141 -23.61 -14.20 -8.69
N ILE A 142 -23.97 -15.38 -9.22
CA ILE A 142 -23.43 -16.67 -8.78
C ILE A 142 -23.08 -17.51 -10.01
N ASN A 143 -21.96 -18.25 -9.93
CA ASN A 143 -21.84 -19.47 -10.72
C ASN A 143 -22.10 -20.65 -9.79
N LYS A 144 -23.33 -21.19 -9.89
CA LYS A 144 -23.81 -22.21 -8.96
C LYS A 144 -22.94 -23.44 -9.11
N GLY A 145 -22.52 -23.67 -10.37
CA GLY A 145 -21.75 -24.82 -10.81
C GLY A 145 -20.39 -24.92 -10.12
N LYS A 146 -19.91 -23.78 -9.59
CA LYS A 146 -18.59 -23.75 -8.98
C LYS A 146 -18.69 -23.25 -7.54
N GLY A 147 -19.90 -22.88 -7.11
CA GLY A 147 -20.12 -22.37 -5.77
C GLY A 147 -19.26 -21.13 -5.48
N PHE A 148 -19.60 -20.03 -6.15
CA PHE A 148 -18.92 -18.77 -5.91
C PHE A 148 -19.79 -17.64 -6.44
N GLY A 149 -19.66 -16.43 -5.87
CA GLY A 149 -20.27 -15.26 -6.48
C GLY A 149 -19.97 -13.90 -5.82
N PHE A 150 -20.43 -12.85 -6.52
CA PHE A 150 -20.18 -11.43 -6.26
C PHE A 150 -21.40 -10.72 -5.70
N ILE A 151 -21.19 -9.52 -5.15
CA ILE A 151 -22.21 -8.67 -4.55
C ILE A 151 -21.59 -7.35 -4.12
N LYS A 152 -22.06 -6.24 -4.71
CA LYS A 152 -21.59 -4.91 -4.38
C LYS A 152 -22.44 -4.36 -3.23
N LEU A 153 -21.83 -3.71 -2.23
CA LEU A 153 -22.54 -3.08 -1.12
C LEU A 153 -22.35 -1.57 -1.16
N GLU A 154 -22.87 -0.89 -0.15
CA GLU A 154 -23.08 0.56 -0.26
C GLU A 154 -21.71 1.25 -0.38
N SER A 155 -20.83 0.92 0.57
CA SER A 155 -19.52 1.53 0.74
C SER A 155 -18.45 0.47 0.96
N ARG A 156 -17.21 0.89 0.69
CA ARG A 156 -16.06 0.01 0.85
C ARG A 156 -15.87 -0.28 2.33
N ALA A 157 -16.25 0.68 3.18
CA ALA A 157 -16.18 0.43 4.59
C ALA A 157 -17.16 -0.69 4.95
N LEU A 158 -18.39 -0.57 4.42
CA LEU A 158 -19.55 -1.41 4.72
C LEU A 158 -19.28 -2.86 4.32
N ALA A 159 -18.77 -2.97 3.10
CA ALA A 159 -18.38 -4.23 2.51
C ALA A 159 -17.39 -4.94 3.44
N GLU A 160 -16.41 -4.16 3.92
CA GLU A 160 -15.21 -4.61 4.61
C GLU A 160 -15.61 -5.26 5.93
N ILE A 161 -16.78 -4.82 6.43
CA ILE A 161 -17.44 -5.37 7.61
C ILE A 161 -18.14 -6.65 7.20
N ALA A 162 -18.86 -6.54 6.07
CA ALA A 162 -19.44 -7.70 5.44
C ALA A 162 -18.43 -8.86 5.55
N LYS A 163 -17.30 -8.71 4.83
CA LYS A 163 -16.23 -9.71 4.88
C LYS A 163 -15.93 -10.02 6.34
N ALA A 164 -15.90 -8.96 7.15
CA ALA A 164 -15.46 -9.15 8.52
C ALA A 164 -16.38 -10.19 9.15
N GLU A 165 -17.69 -9.95 8.96
CA GLU A 165 -18.70 -10.69 9.71
C GLU A 165 -18.89 -12.07 9.09
N LEU A 166 -18.63 -12.20 7.78
CA LEU A 166 -19.01 -13.40 7.03
C LEU A 166 -17.88 -14.41 6.79
N ASP A 167 -16.65 -13.99 6.39
CA ASP A 167 -15.56 -14.94 6.13
C ASP A 167 -15.59 -15.99 7.22
N ASP A 168 -15.54 -17.26 6.81
CA ASP A 168 -15.45 -18.44 7.67
C ASP A 168 -16.75 -18.73 8.45
N THR A 169 -17.91 -18.27 7.94
CA THR A 169 -19.27 -18.68 8.32
C THR A 169 -19.46 -20.14 7.86
N PRO A 170 -19.67 -21.12 8.75
CA PRO A 170 -20.23 -22.40 8.32
C PRO A 170 -21.62 -22.12 7.73
N MET A 171 -22.00 -22.98 6.77
CA MET A 171 -23.18 -22.74 5.95
C MET A 171 -23.47 -23.97 5.09
N ARG A 172 -24.33 -24.85 5.64
CA ARG A 172 -24.61 -26.19 5.16
C ARG A 172 -23.29 -26.92 5.00
N GLY A 173 -22.58 -27.06 6.12
CA GLY A 173 -21.39 -27.89 6.24
C GLY A 173 -20.12 -27.18 5.79
N ARG A 174 -20.18 -26.56 4.61
CA ARG A 174 -19.10 -25.75 4.10
C ARG A 174 -18.88 -24.56 5.04
N GLN A 175 -17.68 -23.97 4.95
CA GLN A 175 -17.42 -22.66 5.54
C GLN A 175 -17.15 -21.67 4.40
N LEU A 176 -18.10 -20.74 4.17
CA LEU A 176 -17.99 -19.68 3.16
C LEU A 176 -16.61 -18.99 3.28
N ARG A 177 -16.03 -18.62 2.14
CA ARG A 177 -14.84 -17.80 2.19
C ARG A 177 -15.15 -16.49 1.48
N VAL A 178 -15.06 -15.39 2.25
CA VAL A 178 -15.27 -14.06 1.69
C VAL A 178 -13.96 -13.28 1.73
N ARG A 179 -13.77 -12.53 0.65
CA ARG A 179 -12.69 -11.57 0.47
C ARG A 179 -13.14 -10.62 -0.62
N PHE A 180 -12.33 -9.62 -0.94
CA PHE A 180 -12.79 -8.70 -1.96
C PHE A 180 -12.58 -9.32 -3.31
N ALA A 181 -13.37 -8.84 -4.27
CA ALA A 181 -13.20 -9.33 -5.63
C ALA A 181 -12.03 -8.58 -6.25
N THR A 182 -11.44 -9.20 -7.26
CA THR A 182 -10.21 -8.76 -7.91
C THR A 182 -10.52 -7.67 -8.94
N HIS A 183 -10.14 -6.43 -8.62
CA HIS A 183 -10.54 -5.26 -9.38
C HIS A 183 -10.27 -5.40 -10.88
N ALA A 184 -9.05 -5.81 -11.26
CA ALA A 184 -8.72 -6.22 -12.64
C ALA A 184 -9.28 -5.24 -13.65
N ALA A 185 -9.30 -3.96 -13.28
CA ALA A 185 -9.78 -2.85 -14.08
C ALA A 185 -8.94 -1.67 -13.59
N ALA A 186 -7.90 -2.07 -12.87
CA ALA A 186 -7.16 -1.28 -11.92
C ALA A 186 -5.81 -0.99 -12.57
N LEU A 187 -5.43 0.28 -12.63
CA LEU A 187 -4.19 0.56 -13.33
C LEU A 187 -3.30 1.47 -12.52
N SER A 188 -2.09 0.95 -12.30
CA SER A 188 -0.96 1.68 -11.75
C SER A 188 -0.33 2.53 -12.84
N VAL A 189 0.06 3.74 -12.47
CA VAL A 189 0.59 4.70 -13.43
C VAL A 189 1.77 5.41 -12.78
N ARG A 190 2.82 5.62 -13.56
CA ARG A 190 4.03 6.14 -12.97
C ARG A 190 4.54 7.31 -13.79
N ASN A 191 5.57 7.98 -13.22
CA ASN A 191 6.32 9.04 -13.89
C ASN A 191 5.39 10.22 -14.15
N LEU A 192 4.48 10.46 -13.21
CA LEU A 192 3.60 11.62 -13.22
C LEU A 192 4.37 12.83 -12.71
N SER A 193 4.20 13.97 -13.37
CA SER A 193 4.71 15.20 -12.78
C SER A 193 4.17 15.38 -11.36
N PRO A 194 4.90 16.12 -10.49
CA PRO A 194 4.43 16.41 -9.14
C PRO A 194 3.18 17.28 -9.08
N TYR A 195 2.69 17.76 -10.23
CA TYR A 195 1.54 18.64 -10.25
C TYR A 195 0.36 17.95 -10.95
N VAL A 196 0.46 16.63 -11.12
CA VAL A 196 -0.78 15.94 -11.46
C VAL A 196 -1.59 15.96 -10.19
N SER A 197 -2.82 16.50 -10.29
CA SER A 197 -3.79 16.44 -9.21
C SER A 197 -4.71 15.26 -9.46
N ASN A 198 -5.23 14.67 -8.38
CA ASN A 198 -6.10 13.49 -8.42
C ASN A 198 -7.16 13.71 -9.48
N GLU A 199 -7.57 14.97 -9.60
CA GLU A 199 -8.63 15.44 -10.46
C GLU A 199 -8.17 15.23 -11.90
N LEU A 200 -7.02 15.82 -12.20
CA LEU A 200 -6.44 15.92 -13.52
C LEU A 200 -6.13 14.54 -14.11
N LEU A 201 -5.70 13.63 -13.23
CA LEU A 201 -5.47 12.25 -13.62
C LEU A 201 -6.78 11.62 -14.10
N GLU A 202 -7.87 11.94 -13.42
CA GLU A 202 -9.17 11.42 -13.85
C GLU A 202 -9.58 12.14 -15.13
N GLU A 203 -9.29 13.46 -15.21
CA GLU A 203 -9.58 14.20 -16.43
C GLU A 203 -8.96 13.43 -17.59
N ALA A 204 -7.63 13.46 -17.66
CA ALA A 204 -6.91 12.65 -18.64
C ALA A 204 -7.61 11.32 -18.92
N PHE A 205 -7.71 10.41 -17.95
CA PHE A 205 -7.99 9.02 -18.28
C PHE A 205 -9.47 8.71 -18.40
N SER A 206 -10.31 9.75 -18.31
CA SER A 206 -11.74 9.58 -18.40
C SER A 206 -12.10 9.42 -19.86
N GLN A 207 -11.08 9.57 -20.70
CA GLN A 207 -11.22 9.47 -22.14
C GLN A 207 -11.24 8.01 -22.57
N PHE A 208 -10.82 7.10 -21.69
CA PHE A 208 -10.83 5.68 -22.03
C PHE A 208 -12.09 5.03 -21.46
N GLY A 209 -12.97 5.85 -20.89
CA GLY A 209 -14.24 5.31 -20.42
C GLY A 209 -14.65 5.87 -19.07
N PRO A 210 -15.79 5.37 -18.56
CA PRO A 210 -16.20 5.62 -17.18
C PRO A 210 -15.09 5.28 -16.18
N ILE A 211 -14.72 6.25 -15.33
CA ILE A 211 -13.76 6.05 -14.24
C ILE A 211 -14.52 5.79 -12.95
N GLU A 212 -13.94 4.96 -12.07
CA GLU A 212 -14.47 4.79 -10.72
C GLU A 212 -13.69 5.68 -9.75
N ARG A 213 -12.36 5.66 -9.86
CA ARG A 213 -11.55 6.62 -9.14
C ARG A 213 -10.15 6.69 -9.76
N ALA A 214 -9.57 7.88 -9.63
CA ALA A 214 -8.19 8.14 -9.98
C ALA A 214 -7.51 8.90 -8.83
N VAL A 215 -6.45 8.30 -8.29
CA VAL A 215 -5.73 8.84 -7.16
C VAL A 215 -4.25 9.03 -7.49
N VAL A 216 -3.71 10.21 -7.14
CA VAL A 216 -2.28 10.46 -7.11
C VAL A 216 -1.81 10.15 -5.69
N ILE A 217 -0.74 9.36 -5.57
CA ILE A 217 -0.30 8.99 -4.23
C ILE A 217 0.55 10.10 -3.64
N VAL A 218 0.54 10.17 -2.31
CA VAL A 218 1.29 11.19 -1.62
C VAL A 218 1.99 10.60 -0.40
N ASP A 219 3.17 11.18 -0.15
CA ASP A 219 4.07 10.86 0.93
C ASP A 219 3.50 11.41 2.23
N ASP A 220 4.31 11.30 3.28
CA ASP A 220 4.00 11.72 4.64
C ASP A 220 3.74 13.23 4.74
N ARG A 221 4.15 14.01 3.74
CA ARG A 221 3.91 15.44 3.74
C ARG A 221 2.92 15.74 2.63
N GLY A 222 2.34 14.70 2.03
CA GLY A 222 1.29 14.88 1.05
C GLY A 222 1.72 15.66 -0.19
N ARG A 223 2.95 15.39 -0.67
CA ARG A 223 3.44 15.78 -1.99
C ARG A 223 3.50 14.58 -2.93
N SER A 224 3.36 14.85 -4.23
CA SER A 224 3.17 13.79 -5.22
C SER A 224 4.31 12.78 -5.16
N THR A 225 3.99 11.54 -5.51
CA THR A 225 5.04 10.54 -5.52
C THR A 225 5.13 9.92 -6.90
N GLY A 226 4.73 10.69 -7.91
CA GLY A 226 5.01 10.37 -9.30
C GLY A 226 4.25 9.15 -9.81
N LYS A 227 3.58 8.46 -8.89
CA LYS A 227 2.81 7.27 -9.24
C LYS A 227 1.40 7.43 -8.70
N GLY A 228 0.43 6.85 -9.45
CA GLY A 228 -0.98 7.05 -9.21
C GLY A 228 -1.78 5.79 -9.52
N ILE A 229 -3.10 5.85 -9.25
CA ILE A 229 -4.03 4.73 -9.46
C ILE A 229 -5.22 5.17 -10.31
N VAL A 230 -5.50 4.40 -11.36
CA VAL A 230 -6.77 4.50 -12.05
C VAL A 230 -7.55 3.18 -11.98
N GLU A 231 -8.72 3.25 -11.33
CA GLU A 231 -9.66 2.16 -11.23
C GLU A 231 -10.77 2.46 -12.23
N PHE A 232 -10.98 1.53 -13.16
CA PHE A 232 -11.86 1.80 -14.28
C PHE A 232 -13.23 1.20 -14.03
N ALA A 233 -14.21 1.74 -14.75
CA ALA A 233 -15.57 1.19 -14.84
C ALA A 233 -15.50 -0.25 -15.33
N SER A 234 -15.16 -0.41 -16.61
CA SER A 234 -15.23 -1.67 -17.32
C SER A 234 -13.83 -2.13 -17.71
N LYS A 235 -13.62 -3.45 -17.73
CA LYS A 235 -12.37 -4.09 -18.07
C LYS A 235 -11.91 -3.75 -19.48
N PRO A 236 -12.82 -3.56 -20.48
CA PRO A 236 -12.41 -3.05 -21.79
C PRO A 236 -11.73 -1.70 -21.62
N ALA A 237 -12.39 -0.80 -20.87
CA ALA A 237 -11.95 0.57 -20.67
C ALA A 237 -10.48 0.60 -20.22
N ALA A 238 -10.15 -0.20 -19.20
CA ALA A 238 -8.78 -0.37 -18.73
C ALA A 238 -7.91 -0.88 -19.88
N ARG A 239 -8.25 -2.05 -20.40
CA ARG A 239 -7.44 -2.72 -21.41
C ARG A 239 -7.12 -1.75 -22.55
N LYS A 240 -8.05 -0.85 -22.87
CA LYS A 240 -7.84 0.09 -23.96
C LYS A 240 -6.88 1.19 -23.51
N ALA A 241 -7.03 1.65 -22.26
CA ALA A 241 -6.13 2.63 -21.69
C ALA A 241 -4.71 2.08 -21.58
N PHE A 242 -4.60 0.75 -21.36
CA PHE A 242 -3.33 0.07 -21.21
C PHE A 242 -2.57 0.06 -22.54
N GLU A 243 -3.14 -0.64 -23.53
CA GLU A 243 -2.58 -0.70 -24.87
C GLU A 243 -2.19 0.71 -25.26
N ARG A 244 -3.20 1.58 -25.37
CA ARG A 244 -3.06 2.90 -25.97
C ARG A 244 -1.83 3.62 -25.40
N CYS A 245 -1.57 3.46 -24.08
CA CYS A 245 -0.68 4.35 -23.36
C CYS A 245 0.73 3.79 -23.34
N SER A 246 0.81 2.50 -23.70
CA SER A 246 2.01 1.70 -23.64
C SER A 246 2.49 1.34 -25.05
N GLU A 247 1.55 1.37 -26.01
CA GLU A 247 1.91 1.51 -27.42
C GLU A 247 2.19 2.98 -27.70
N GLY A 248 1.18 3.85 -27.70
CA GLY A 248 1.38 5.28 -27.87
C GLY A 248 2.16 5.96 -26.72
N VAL A 249 2.19 7.30 -26.73
CA VAL A 249 2.89 8.08 -25.73
C VAL A 249 1.92 9.11 -25.17
N PHE A 250 1.43 8.85 -23.97
CA PHE A 250 0.43 9.71 -23.37
C PHE A 250 1.18 10.69 -22.48
N LEU A 251 0.84 11.99 -22.50
CA LEU A 251 1.35 12.88 -21.46
C LEU A 251 0.37 13.99 -21.07
N LEU A 252 0.73 14.71 -20.00
CA LEU A 252 -0.28 15.27 -19.11
C LEU A 252 -0.10 16.77 -18.90
N THR A 253 1.14 17.25 -18.96
CA THR A 253 1.37 18.67 -18.69
C THR A 253 2.31 19.24 -19.73
N THR A 254 2.72 20.50 -19.53
CA THR A 254 3.46 21.25 -20.53
C THR A 254 4.77 20.53 -20.80
N THR A 255 5.57 20.28 -19.76
CA THR A 255 6.80 19.54 -19.98
C THR A 255 6.45 18.05 -20.09
N PRO A 256 7.23 17.24 -20.84
CA PRO A 256 6.80 15.89 -21.26
C PRO A 256 7.32 14.68 -20.48
N ARG A 257 6.39 14.01 -19.80
CA ARG A 257 6.78 12.76 -19.20
C ARG A 257 5.67 11.78 -19.55
N PRO A 258 6.01 10.78 -20.38
CA PRO A 258 5.03 9.79 -20.82
C PRO A 258 4.48 9.17 -19.55
N VAL A 259 3.17 8.89 -19.56
CA VAL A 259 2.65 8.14 -18.44
C VAL A 259 2.90 6.67 -18.71
N ILE A 260 3.25 5.97 -17.63
CA ILE A 260 3.64 4.59 -17.76
C ILE A 260 2.59 3.78 -17.05
N VAL A 261 1.81 3.07 -17.86
CA VAL A 261 0.58 2.51 -17.33
C VAL A 261 0.73 1.01 -17.28
N GLU A 262 1.07 0.50 -16.09
CA GLU A 262 1.20 -0.94 -15.83
C GLU A 262 -0.02 -1.37 -15.04
N PRO A 263 -0.36 -2.68 -15.00
CA PRO A 263 -1.53 -3.13 -14.27
C PRO A 263 -1.17 -2.82 -12.82
N LEU A 264 -2.20 -2.52 -12.04
CA LEU A 264 -2.05 -2.50 -10.59
C LEU A 264 -2.22 -3.94 -10.10
N GLU A 265 -1.39 -4.34 -9.16
CA GLU A 265 -1.63 -5.63 -8.54
C GLU A 265 -2.15 -5.38 -7.12
N GLN A 266 -3.29 -5.99 -6.83
CA GLN A 266 -4.04 -5.64 -5.64
C GLN A 266 -3.45 -6.40 -4.48
N LEU A 267 -3.38 -5.75 -3.31
CA LEU A 267 -3.31 -6.56 -2.09
C LEU A 267 -3.84 -5.85 -0.85
N ASP A 268 -4.11 -6.68 0.19
CA ASP A 268 -4.75 -6.27 1.43
C ASP A 268 -3.73 -6.31 2.57
N ASP A 269 -3.55 -5.11 3.14
CA ASP A 269 -2.71 -4.84 4.29
C ASP A 269 -3.63 -4.54 5.46
N GLU A 270 -4.93 -4.43 5.14
CA GLU A 270 -5.95 -4.06 6.09
C GLU A 270 -6.23 -5.27 6.99
N ASP A 271 -6.82 -6.33 6.42
CA ASP A 271 -7.21 -7.51 7.21
C ASP A 271 -6.11 -8.56 7.19
N GLY A 272 -5.47 -8.73 6.04
CA GLY A 272 -4.35 -9.65 5.95
C GLY A 272 -4.76 -11.08 6.22
N LEU A 273 -3.84 -11.83 6.83
CA LEU A 273 -4.06 -13.22 7.15
C LEU A 273 -4.20 -13.39 8.67
N PRO A 274 -5.39 -13.80 9.15
CA PRO A 274 -5.56 -14.12 10.57
C PRO A 274 -5.04 -15.53 10.84
N GLU A 275 -4.90 -15.93 12.12
CA GLU A 275 -4.46 -17.27 12.47
C GLU A 275 -5.67 -18.20 12.43
N LYS A 276 -6.84 -17.63 12.77
CA LYS A 276 -8.14 -18.19 12.46
C LYS A 276 -7.99 -19.18 11.31
N LEU A 277 -7.85 -18.65 10.08
CA LEU A 277 -7.78 -19.45 8.87
C LEU A 277 -6.35 -19.71 8.39
N ALA A 278 -5.34 -19.58 9.26
CA ALA A 278 -4.01 -20.07 8.92
C ALA A 278 -3.84 -21.45 9.54
N GLN A 279 -4.88 -21.90 10.24
CA GLN A 279 -4.94 -23.27 10.69
C GLN A 279 -5.10 -24.17 9.47
N LYS A 280 -6.21 -23.95 8.74
CA LYS A 280 -6.73 -25.02 7.93
C LYS A 280 -5.84 -25.23 6.69
N ASN A 281 -4.51 -25.04 6.88
CA ASN A 281 -3.47 -25.42 5.94
C ASN A 281 -2.75 -26.67 6.47
N PRO A 282 -1.80 -27.32 5.72
CA PRO A 282 -1.22 -28.62 6.09
C PRO A 282 -0.66 -28.75 7.51
N MET A 283 0.38 -27.96 7.78
CA MET A 283 1.09 -28.15 9.04
C MET A 283 1.43 -26.81 9.66
N TYR A 284 0.40 -26.13 10.19
CA TYR A 284 0.65 -24.98 11.05
C TYR A 284 1.69 -25.42 12.08
N GLN A 285 1.36 -26.49 12.81
CA GLN A 285 2.10 -26.99 13.97
C GLN A 285 3.55 -27.29 13.62
N LYS A 286 3.78 -28.18 12.65
CA LYS A 286 5.13 -28.57 12.27
C LYS A 286 6.02 -27.33 12.30
N GLU A 287 5.55 -26.27 11.62
CA GLU A 287 6.31 -25.06 11.43
C GLU A 287 6.29 -24.23 12.70
N ARG A 288 5.10 -24.09 13.30
CA ARG A 288 4.94 -23.18 14.43
C ARG A 288 5.32 -23.88 15.72
N GLU A 289 5.68 -25.18 15.63
CA GLU A 289 6.03 -25.96 16.80
C GLU A 289 7.24 -25.37 17.52
N THR A 290 8.10 -24.63 16.82
CA THR A 290 9.14 -23.86 17.49
C THR A 290 8.69 -22.42 17.65
N PRO A 291 8.85 -21.83 18.85
CA PRO A 291 8.30 -20.51 19.13
C PRO A 291 9.26 -19.48 18.57
N PRO A 292 8.75 -18.32 18.08
CA PRO A 292 9.62 -17.20 17.74
C PRO A 292 10.77 -17.12 18.73
N ARG A 293 11.92 -16.69 18.22
CA ARG A 293 13.12 -16.77 19.00
C ARG A 293 14.20 -16.01 18.23
N PHE A 294 15.29 -15.71 18.95
CA PHE A 294 16.53 -15.27 18.34
C PHE A 294 17.48 -16.44 18.11
N ALA A 295 18.36 -16.30 17.13
CA ALA A 295 19.18 -17.46 16.82
C ALA A 295 20.40 -17.51 17.75
N GLN A 296 20.76 -18.74 18.11
CA GLN A 296 21.93 -18.99 18.93
C GLN A 296 23.17 -18.57 18.15
N HIS A 297 24.02 -17.73 18.75
CA HIS A 297 25.20 -17.18 18.11
C HIS A 297 26.13 -18.24 17.50
N GLY A 298 25.73 -19.51 17.50
CA GLY A 298 26.60 -20.56 17.02
C GLY A 298 25.98 -21.46 15.95
N THR A 299 24.75 -21.94 16.17
CA THR A 299 24.05 -22.98 15.43
C THR A 299 24.32 -22.97 13.93
N PHE A 300 24.05 -24.11 13.28
CA PHE A 300 23.72 -24.07 11.87
C PHE A 300 22.67 -22.99 11.62
N GLU A 301 21.51 -23.15 12.26
CA GLU A 301 20.35 -22.35 11.90
C GLU A 301 20.64 -20.86 12.01
N TYR A 302 21.71 -20.46 12.70
CA TYR A 302 22.11 -19.06 12.79
C TYR A 302 22.89 -18.65 11.56
N GLU A 303 23.97 -19.38 11.29
CA GLU A 303 24.90 -19.03 10.23
C GLU A 303 24.13 -19.05 8.93
N TYR A 304 23.14 -19.97 8.83
CA TYR A 304 22.33 -20.11 7.63
C TYR A 304 21.69 -18.76 7.36
N SER A 305 21.14 -18.21 8.43
CA SER A 305 20.40 -16.97 8.36
C SER A 305 21.35 -15.83 8.00
N GLN A 306 22.45 -15.74 8.76
CA GLN A 306 23.43 -14.68 8.62
C GLN A 306 24.00 -14.61 7.19
N ARG A 307 24.11 -15.78 6.55
CA ARG A 307 24.48 -15.86 5.14
C ARG A 307 23.35 -15.29 4.27
N TRP A 308 22.12 -15.83 4.44
CA TRP A 308 20.95 -15.50 3.64
C TRP A 308 20.74 -14.01 3.66
N LYS A 309 20.73 -13.48 4.89
CA LYS A 309 20.80 -12.05 5.07
C LYS A 309 21.81 -11.50 4.07
N SER A 310 23.07 -11.92 4.19
CA SER A 310 24.18 -11.33 3.46
C SER A 310 23.87 -11.20 1.98
N LEU A 311 23.34 -12.29 1.41
CA LEU A 311 22.86 -12.38 0.03
C LEU A 311 21.91 -11.24 -0.25
N ASP A 312 21.00 -11.04 0.69
CA ASP A 312 19.92 -10.10 0.49
C ASP A 312 20.44 -8.67 0.48
N GLU A 313 21.32 -8.35 1.45
CA GLU A 313 21.94 -7.05 1.58
C GLU A 313 22.52 -6.67 0.23
N MET A 314 23.09 -7.69 -0.41
CA MET A 314 23.62 -7.58 -1.74
C MET A 314 22.51 -7.36 -2.77
N GLU A 315 21.51 -8.25 -2.76
CA GLU A 315 20.35 -8.09 -3.61
C GLU A 315 19.97 -6.61 -3.62
N LYS A 316 19.82 -6.04 -2.42
CA LYS A 316 19.52 -4.62 -2.33
C LYS A 316 20.61 -3.83 -3.06
N GLN A 317 21.85 -3.96 -2.62
CA GLN A 317 22.90 -3.13 -3.16
C GLN A 317 22.79 -3.04 -4.68
N GLN A 318 22.50 -4.18 -5.32
CA GLN A 318 22.40 -4.21 -6.78
C GLN A 318 21.23 -3.34 -7.22
N ARG A 319 20.00 -3.70 -6.82
CA ARG A 319 18.83 -2.92 -7.19
C ARG A 319 19.05 -1.42 -6.92
N GLU A 320 19.65 -1.09 -5.78
CA GLU A 320 19.84 0.29 -5.39
C GLU A 320 20.73 0.97 -6.40
N GLN A 321 21.63 0.18 -6.98
CA GLN A 321 22.60 0.73 -7.91
C GLN A 321 21.96 0.87 -9.28
N VAL A 322 21.03 -0.03 -9.60
CA VAL A 322 20.38 -0.02 -10.90
C VAL A 322 19.54 1.23 -10.95
N GLU A 323 18.83 1.48 -9.84
CA GLU A 323 17.94 2.60 -9.70
C GLU A 323 18.72 3.88 -9.89
N LYS A 324 19.91 3.93 -9.26
CA LYS A 324 20.77 5.11 -9.25
C LYS A 324 21.38 5.35 -10.62
N ASN A 325 21.81 4.25 -11.25
CA ASN A 325 22.32 4.28 -12.62
C ASN A 325 21.30 4.95 -13.51
N MET A 326 20.05 4.51 -13.35
CA MET A 326 19.00 4.77 -14.32
C MET A 326 18.35 6.13 -14.09
N LYS A 327 18.21 6.53 -12.82
CA LYS A 327 17.81 7.92 -12.60
C LYS A 327 18.88 8.79 -13.29
N ASP A 328 20.11 8.76 -12.79
CA ASP A 328 21.22 9.49 -13.40
C ASP A 328 21.06 9.54 -14.92
N ALA A 329 20.35 8.55 -15.46
CA ALA A 329 20.26 8.32 -16.89
C ALA A 329 19.10 9.11 -17.47
N LYS A 330 17.99 9.15 -16.75
CA LYS A 330 16.91 10.03 -17.16
C LYS A 330 17.32 11.47 -16.86
N ASP A 331 17.86 11.69 -15.64
CA ASP A 331 18.23 13.00 -15.14
C ASP A 331 19.23 13.70 -16.06
N LYS A 332 19.83 12.94 -16.99
CA LYS A 332 20.79 13.53 -17.92
C LYS A 332 20.05 13.96 -19.18
N LEU A 333 19.10 13.11 -19.59
CA LEU A 333 18.53 13.05 -20.93
C LEU A 333 17.87 14.36 -21.34
N GLU A 334 16.85 14.81 -20.59
CA GLU A 334 16.06 15.98 -20.93
C GLU A 334 16.93 17.07 -21.57
N SER A 335 18.18 17.18 -21.07
CA SER A 335 19.07 18.33 -21.22
C SER A 335 20.09 18.13 -22.35
N GLU A 336 20.40 16.86 -22.67
CA GLU A 336 21.19 16.57 -23.86
C GLU A 336 20.25 16.26 -25.04
N MET A 337 18.96 16.16 -24.73
CA MET A 337 17.91 16.10 -25.74
C MET A 337 17.81 17.47 -26.41
N GLU A 338 17.77 18.53 -25.58
CA GLU A 338 17.81 19.93 -25.97
C GLU A 338 19.16 20.25 -26.62
N ASP A 339 19.80 19.22 -27.22
CA ASP A 339 20.97 19.36 -28.06
C ASP A 339 20.69 18.80 -29.46
N ALA A 340 19.55 18.11 -29.61
CA ALA A 340 19.00 17.82 -30.93
C ALA A 340 18.41 19.10 -31.57
N TYR A 341 17.96 20.07 -30.74
CA TYR A 341 17.39 21.33 -31.20
C TYR A 341 18.36 22.51 -31.02
N HIS A 342 19.62 22.24 -30.64
CA HIS A 342 20.58 23.30 -30.31
C HIS A 342 21.98 23.06 -30.88
N GLU A 343 22.25 21.88 -31.45
CA GLU A 343 23.50 21.63 -32.15
C GLU A 343 23.18 21.12 -33.56
N HIS A 344 21.89 21.08 -33.88
CA HIS A 344 21.39 20.62 -35.16
C HIS A 344 21.06 21.82 -36.04
N GLN A 345 20.80 22.96 -35.40
CA GLN A 345 20.63 24.25 -36.07
C GLN A 345 21.89 25.10 -35.92
N ALA A 346 22.67 24.86 -34.85
CA ALA A 346 23.93 25.55 -34.58
C ALA A 346 24.90 25.25 -35.72
N ASN A 347 24.61 24.17 -36.45
CA ASN A 347 25.46 23.65 -37.50
C ASN A 347 24.91 24.06 -38.88
N LEU A 348 23.59 24.06 -39.03
CA LEU A 348 22.96 24.24 -40.34
C LEU A 348 22.69 25.71 -40.67
N LEU A 349 23.05 26.66 -39.78
CA LEU A 349 22.61 28.05 -39.89
C LEU A 349 23.27 28.76 -41.08
N ARG A 350 24.60 28.98 -41.06
CA ARG A 350 25.25 29.77 -42.11
C ARG A 350 25.73 28.90 -43.27
N GLN A 351 24.80 28.64 -44.21
CA GLN A 351 25.06 27.94 -45.46
C GLN A 351 24.13 28.45 -46.56
N ASP A 352 22.82 28.55 -46.25
CA ASP A 352 21.74 28.86 -47.18
C ASP A 352 21.80 30.30 -47.67
N LEU A 353 21.43 31.26 -46.81
CA LEU A 353 21.37 32.68 -47.17
C LEU A 353 22.76 33.33 -47.05
N MET A 354 23.82 32.67 -47.56
CA MET A 354 25.19 33.15 -47.52
C MET A 354 25.89 32.82 -48.86
N SER B 87 -20.86 16.32 3.44
CA SER B 87 -20.37 17.39 4.34
C SER B 87 -21.02 17.29 5.72
N ASP B 88 -20.19 17.32 6.77
CA ASP B 88 -20.48 18.01 8.03
C ASP B 88 -21.69 17.41 8.75
N SER B 89 -21.40 16.45 9.60
CA SER B 89 -22.38 15.41 9.57
C SER B 89 -23.51 15.66 10.59
N GLU B 90 -24.73 15.15 10.30
CA GLU B 90 -25.98 15.60 10.92
C GLU B 90 -26.17 15.07 12.35
N GLY B 91 -26.15 13.74 12.55
CA GLY B 91 -26.04 13.12 13.87
C GLY B 91 -24.64 12.54 14.15
N PHE B 92 -24.07 12.74 15.35
CA PHE B 92 -22.83 12.05 15.72
C PHE B 92 -23.02 11.34 17.05
N LYS B 93 -21.93 11.17 17.79
CA LYS B 93 -21.94 10.43 19.04
C LYS B 93 -22.58 9.04 18.87
N ALA B 94 -23.92 9.01 18.74
CA ALA B 94 -24.68 7.85 18.30
C ALA B 94 -24.03 7.26 17.06
N ASN B 95 -23.02 7.97 16.61
CA ASN B 95 -22.64 7.81 15.23
C ASN B 95 -21.21 7.26 15.29
N LEU B 96 -20.34 8.00 15.96
CA LEU B 96 -18.90 7.77 15.91
C LEU B 96 -18.57 6.31 16.15
N SER B 97 -19.04 5.79 17.29
CA SER B 97 -18.69 4.44 17.69
C SER B 97 -18.77 3.54 16.47
N LEU B 98 -19.72 3.84 15.57
CA LEU B 98 -20.07 3.03 14.41
C LEU B 98 -19.01 3.13 13.32
N LEU B 99 -18.01 4.02 13.45
CA LEU B 99 -17.01 4.29 12.43
C LEU B 99 -15.78 3.42 12.63
N ARG B 100 -15.40 3.34 13.91
CA ARG B 100 -14.77 2.18 14.51
C ARG B 100 -15.57 0.96 14.04
N ARG B 101 -13.23 1.37 13.13
CA ARG B 101 -13.27 -0.10 12.90
C ARG B 101 -13.16 -0.85 14.23
N PRO B 102 -13.19 -2.67 11.98
CA PRO B 102 -13.58 -3.86 12.74
C PRO B 102 -12.32 -4.41 13.41
N GLY B 103 -12.36 -4.54 14.74
CA GLY B 103 -11.19 -4.85 15.52
C GLY B 103 -10.02 -3.85 15.34
N GLU B 104 -10.33 -2.57 15.13
CA GLU B 104 -9.33 -1.48 15.20
C GLU B 104 -9.13 -1.09 16.68
N LYS B 105 -7.87 -1.05 17.12
CA LYS B 105 -7.51 -0.46 18.40
C LYS B 105 -7.65 1.04 18.23
N THR B 106 -8.35 1.71 19.17
CA THR B 106 -8.68 3.10 18.92
C THR B 106 -7.61 3.98 19.56
N TYR B 107 -7.42 5.17 18.97
CA TYR B 107 -6.34 6.10 19.27
C TYR B 107 -4.98 5.43 19.00
N THR B 108 -4.94 4.63 17.92
CA THR B 108 -3.71 4.14 17.30
C THR B 108 -3.01 5.34 16.68
N GLN B 109 -1.73 5.19 16.43
CA GLN B 109 -0.94 6.30 15.90
C GLN B 109 -1.44 6.64 14.49
N ARG B 110 -2.24 5.74 13.91
CA ARG B 110 -2.77 5.97 12.56
C ARG B 110 -4.01 6.85 12.69
N CYS B 111 -4.33 7.22 13.93
CA CYS B 111 -5.39 8.17 14.16
C CYS B 111 -4.83 9.58 14.33
N ARG B 112 -3.58 9.72 14.81
CA ARG B 112 -2.78 10.94 14.98
C ARG B 112 -2.79 11.88 13.76
N LEU B 113 -3.31 13.09 13.97
CA LEU B 113 -3.41 14.07 12.90
C LEU B 113 -2.37 15.15 13.12
N PHE B 114 -1.68 15.50 12.05
CA PHE B 114 -0.85 16.69 12.13
C PHE B 114 -1.75 17.85 11.78
N VAL B 115 -1.71 18.87 12.63
CA VAL B 115 -2.27 20.15 12.27
C VAL B 115 -1.08 21.07 12.33
N GLY B 116 -0.73 21.61 11.16
CA GLY B 116 0.33 22.59 11.05
C GLY B 116 -0.26 23.92 10.59
N ASN B 117 0.47 25.00 10.82
CA ASN B 117 0.06 26.24 10.19
C ASN B 117 -0.70 27.14 11.17
N LEU B 118 -0.69 26.82 12.46
CA LEU B 118 -1.54 27.54 13.38
C LEU B 118 -0.82 28.73 14.02
N PRO B 119 -1.54 29.55 14.82
CA PRO B 119 -0.99 30.72 15.53
C PRO B 119 0.24 30.66 16.41
N ALA B 120 0.75 31.84 16.77
CA ALA B 120 1.52 31.96 17.98
C ALA B 120 0.64 31.56 19.16
N ASP B 121 -0.59 32.08 19.15
CA ASP B 121 -1.31 32.30 20.38
C ASP B 121 -2.47 31.32 20.54
N ILE B 122 -2.45 30.24 19.78
CA ILE B 122 -3.40 29.15 20.02
C ILE B 122 -3.24 28.64 21.46
N THR B 123 -4.35 28.35 22.14
CA THR B 123 -4.24 27.67 23.42
C THR B 123 -4.36 26.20 23.09
N GLU B 124 -4.13 25.36 24.10
CA GLU B 124 -4.46 23.94 24.02
C GLU B 124 -5.97 23.80 23.91
N ASP B 125 -6.65 24.37 24.90
CA ASP B 125 -8.10 24.31 25.00
C ASP B 125 -8.76 24.53 23.62
N GLU B 126 -8.29 25.58 22.93
CA GLU B 126 -8.86 26.10 21.70
C GLU B 126 -8.65 25.07 20.61
N PHE B 127 -7.59 24.30 20.79
CA PHE B 127 -7.18 23.34 19.78
C PHE B 127 -8.17 22.17 19.86
N LYS B 128 -8.45 21.76 21.09
CA LYS B 128 -9.26 20.58 21.32
C LYS B 128 -10.69 20.92 20.97
N ARG B 129 -11.04 22.20 21.20
CA ARG B 129 -12.39 22.68 20.97
C ARG B 129 -12.65 22.63 19.48
N LEU B 130 -11.56 22.75 18.74
CA LEU B 130 -11.58 22.66 17.30
C LEU B 130 -12.18 21.32 16.86
N PHE B 131 -11.64 20.22 17.39
CA PHE B 131 -12.15 18.87 17.15
C PHE B 131 -13.01 18.48 18.34
N ALA B 132 -13.89 19.40 18.72
CA ALA B 132 -14.99 19.14 19.63
C ALA B 132 -15.90 18.11 18.98
N LYS B 133 -16.21 18.42 17.71
CA LYS B 133 -17.18 17.73 16.88
C LYS B 133 -16.89 16.23 16.87
N TYR B 134 -15.63 15.85 17.06
CA TYR B 134 -15.20 14.56 16.55
C TYR B 134 -15.04 13.52 17.66
N GLY B 135 -15.78 13.73 18.76
CA GLY B 135 -15.72 12.81 19.89
C GLY B 135 -14.46 12.92 20.75
N GLU B 136 -14.39 12.06 21.77
CA GLU B 136 -13.38 12.21 22.81
C GLU B 136 -12.05 12.43 22.11
N PRO B 137 -11.34 13.54 22.38
CA PRO B 137 -9.98 13.73 21.88
C PRO B 137 -9.00 12.87 22.66
N GLY B 138 -8.00 12.35 21.95
CA GLY B 138 -6.87 11.58 22.47
C GLY B 138 -5.65 12.43 22.83
N GLU B 139 -4.49 11.79 22.91
CA GLU B 139 -3.31 12.53 23.31
C GLU B 139 -3.20 13.68 22.32
N VAL B 140 -2.98 14.88 22.85
CA VAL B 140 -2.85 16.02 21.97
C VAL B 140 -1.70 16.84 22.51
N PHE B 141 -1.14 17.70 21.64
CA PHE B 141 0.19 18.25 21.81
C PHE B 141 0.38 19.39 20.82
N ILE B 142 0.84 20.54 21.35
CA ILE B 142 1.12 21.66 20.48
C ILE B 142 2.54 22.15 20.67
N ASN B 143 3.23 22.31 19.54
CA ASN B 143 4.44 23.10 19.59
C ASN B 143 4.06 24.50 19.12
N LYS B 144 3.63 25.28 20.10
CA LYS B 144 3.34 26.70 20.02
C LYS B 144 4.50 27.43 19.34
N GLY B 145 5.73 27.00 19.64
CA GLY B 145 6.93 27.60 19.08
C GLY B 145 6.97 27.54 17.56
N LYS B 146 6.30 26.54 16.95
CA LYS B 146 6.44 26.30 15.52
C LYS B 146 5.08 26.22 14.82
N GLY B 147 4.01 26.55 15.56
CA GLY B 147 2.66 26.65 15.01
C GLY B 147 2.16 25.32 14.43
N PHE B 148 2.23 24.26 15.24
CA PHE B 148 1.75 22.94 14.88
C PHE B 148 1.53 22.12 16.14
N GLY B 149 0.61 21.15 16.02
CA GLY B 149 0.24 20.21 17.07
C GLY B 149 -0.32 18.90 16.49
N PHE B 150 -0.61 17.95 17.39
CA PHE B 150 -1.13 16.63 17.06
C PHE B 150 -2.34 16.28 17.91
N ILE B 151 -3.08 15.29 17.43
CA ILE B 151 -4.26 14.84 18.14
C ILE B 151 -4.71 13.53 17.54
N LYS B 152 -5.02 12.60 18.43
CA LYS B 152 -5.49 11.28 18.09
C LYS B 152 -7.01 11.27 18.26
N LEU B 153 -7.72 10.64 17.34
CA LEU B 153 -9.16 10.49 17.39
C LEU B 153 -9.52 9.01 17.38
N GLU B 154 -10.80 8.73 17.67
CA GLU B 154 -11.15 7.38 18.12
C GLU B 154 -10.72 6.34 17.08
N SER B 155 -11.03 6.61 15.79
CA SER B 155 -10.83 5.70 14.67
C SER B 155 -10.04 6.40 13.58
N ARG B 156 -9.25 5.63 12.82
CA ARG B 156 -8.61 6.10 11.60
C ARG B 156 -9.69 6.76 10.75
N ALA B 157 -10.75 5.97 10.56
CA ALA B 157 -12.05 6.31 10.02
C ALA B 157 -12.43 7.78 10.25
N LEU B 158 -12.49 8.15 11.54
CA LEU B 158 -13.08 9.35 12.09
C LEU B 158 -12.16 10.55 11.90
N ALA B 159 -10.86 10.33 12.14
CA ALA B 159 -9.80 11.29 11.84
C ALA B 159 -9.96 11.76 10.40
N GLU B 160 -10.00 10.79 9.47
CA GLU B 160 -10.19 10.98 8.03
C GLU B 160 -11.22 12.08 7.78
N ILE B 161 -12.24 12.06 8.62
CA ILE B 161 -13.34 12.97 8.44
C ILE B 161 -12.89 14.35 8.89
N ALA B 162 -12.57 14.47 10.18
CA ALA B 162 -12.01 15.67 10.77
C ALA B 162 -10.97 16.30 9.82
N LYS B 163 -10.01 15.49 9.33
CA LYS B 163 -8.99 16.00 8.42
C LYS B 163 -9.69 16.69 7.25
N ALA B 164 -10.71 16.00 6.75
CA ALA B 164 -11.46 16.45 5.59
C ALA B 164 -12.32 17.70 5.92
N GLU B 165 -12.96 17.72 7.10
CA GLU B 165 -13.86 18.83 7.44
C GLU B 165 -13.04 20.05 7.77
N LEU B 166 -11.79 19.81 8.16
CA LEU B 166 -10.99 20.83 8.81
C LEU B 166 -9.81 21.30 7.96
N ASP B 167 -9.29 20.47 7.04
CA ASP B 167 -8.16 20.94 6.27
C ASP B 167 -8.49 22.33 5.72
N ASP B 168 -7.56 23.27 5.83
CA ASP B 168 -7.65 24.56 5.17
C ASP B 168 -8.62 25.50 5.90
N THR B 169 -8.85 25.27 7.20
CA THR B 169 -9.77 26.10 7.97
C THR B 169 -9.13 27.45 8.32
N PRO B 170 -9.67 28.59 7.86
CA PRO B 170 -9.10 29.90 8.21
C PRO B 170 -9.31 30.09 9.69
N MET B 171 -8.39 30.81 10.35
CA MET B 171 -8.28 30.76 11.81
C MET B 171 -7.25 31.76 12.33
N ARG B 172 -7.71 33.00 12.56
CA ARG B 172 -6.88 34.15 12.92
C ARG B 172 -5.75 34.24 11.91
N GLY B 173 -6.03 34.82 10.75
CA GLY B 173 -4.98 35.07 9.76
C GLY B 173 -4.55 33.87 8.91
N ARG B 174 -4.58 32.65 9.45
CA ARG B 174 -4.06 31.50 8.72
C ARG B 174 -5.14 30.50 8.30
N GLN B 175 -4.79 29.63 7.33
CA GLN B 175 -5.54 28.44 6.98
C GLN B 175 -4.79 27.20 7.44
N LEU B 176 -5.15 26.68 8.62
CA LEU B 176 -4.63 25.45 9.19
C LEU B 176 -4.50 24.33 8.15
N ARG B 177 -3.44 23.54 8.29
CA ARG B 177 -3.23 22.33 7.50
C ARG B 177 -3.43 21.12 8.40
N VAL B 178 -4.47 20.33 8.05
CA VAL B 178 -4.70 19.02 8.64
C VAL B 178 -4.44 17.93 7.62
N ARG B 179 -3.51 17.05 7.99
CA ARG B 179 -3.20 15.83 7.27
C ARG B 179 -2.59 14.90 8.32
N PHE B 180 -2.47 13.62 7.96
CA PHE B 180 -2.14 12.65 8.98
C PHE B 180 -0.67 12.82 9.32
N ALA B 181 -0.36 12.79 10.61
CA ALA B 181 1.05 12.90 10.96
C ALA B 181 1.79 11.65 10.51
N THR B 182 3.12 11.72 10.59
CA THR B 182 4.05 10.67 10.17
C THR B 182 3.94 9.47 11.12
N HIS B 183 4.27 8.27 10.65
CA HIS B 183 4.29 7.13 11.57
C HIS B 183 5.72 6.59 11.74
N ALA B 184 6.59 7.29 12.50
CA ALA B 184 7.70 6.55 13.08
C ALA B 184 7.07 5.57 14.05
N ALA B 185 7.61 4.34 14.11
CA ALA B 185 7.01 3.22 14.84
C ALA B 185 6.17 2.36 13.90
N ALA B 186 6.48 2.41 12.60
CA ALA B 186 5.91 1.49 11.63
C ALA B 186 7.01 0.70 10.93
N LEU B 187 6.96 -0.63 11.10
CA LEU B 187 7.94 -1.48 10.46
C LEU B 187 7.28 -2.32 9.39
N SER B 188 8.02 -2.46 8.28
CA SER B 188 7.93 -3.52 7.30
C SER B 188 8.80 -4.70 7.70
N VAL B 189 8.24 -5.90 7.58
CA VAL B 189 8.98 -7.12 7.79
C VAL B 189 8.92 -7.89 6.46
N ARG B 190 9.84 -8.84 6.27
CA ARG B 190 9.95 -9.54 5.01
C ARG B 190 10.55 -10.91 5.29
N ASN B 191 10.75 -11.66 4.19
CA ASN B 191 11.13 -13.07 4.25
C ASN B 191 10.30 -13.72 5.34
N LEU B 192 8.99 -13.60 5.14
CA LEU B 192 8.07 -14.03 6.16
C LEU B 192 7.65 -15.43 5.75
N SER B 193 7.77 -16.38 6.68
CA SER B 193 7.11 -17.64 6.42
C SER B 193 5.67 -17.41 5.93
N PRO B 194 5.16 -18.31 5.08
CA PRO B 194 3.83 -18.16 4.53
C PRO B 194 2.85 -18.69 5.56
N TYR B 195 3.39 -19.10 6.70
CA TYR B 195 2.69 -19.66 7.85
C TYR B 195 2.47 -18.57 8.89
N VAL B 196 3.23 -17.48 8.75
CA VAL B 196 3.15 -16.45 9.75
C VAL B 196 1.82 -15.74 9.59
N SER B 197 1.01 -15.90 10.66
CA SER B 197 -0.33 -15.40 10.89
C SER B 197 -0.30 -13.98 11.47
N ASN B 198 -1.37 -13.23 11.20
CA ASN B 198 -1.43 -11.85 11.66
C ASN B 198 -1.13 -11.83 13.14
N GLU B 199 -1.70 -12.82 13.84
CA GLU B 199 -1.71 -12.82 15.29
C GLU B 199 -0.27 -13.04 15.72
N LEU B 200 0.29 -14.17 15.28
CA LEU B 200 1.64 -14.59 15.57
C LEU B 200 2.63 -13.47 15.34
N LEU B 201 2.49 -12.75 14.21
CA LEU B 201 3.39 -11.63 13.91
C LEU B 201 3.58 -10.69 15.11
N GLU B 202 2.50 -10.08 15.60
CA GLU B 202 2.53 -9.25 16.79
C GLU B 202 2.86 -10.06 18.05
N GLU B 203 2.56 -11.36 18.07
CA GLU B 203 2.91 -12.16 19.23
C GLU B 203 4.42 -12.09 19.34
N ALA B 204 5.09 -12.07 18.18
CA ALA B 204 6.53 -12.05 18.17
C ALA B 204 7.04 -10.66 18.56
N PHE B 205 6.49 -9.66 17.88
CA PHE B 205 7.05 -8.34 18.00
C PHE B 205 6.65 -7.67 19.31
N SER B 206 5.84 -8.32 20.13
CA SER B 206 5.27 -7.57 21.22
C SER B 206 6.34 -7.38 22.29
N GLN B 207 7.43 -8.09 22.08
CA GLN B 207 8.50 -8.11 23.06
C GLN B 207 9.38 -6.85 22.99
N PHE B 208 9.16 -5.95 22.03
CA PHE B 208 9.99 -4.77 21.91
C PHE B 208 9.18 -3.56 22.35
N GLY B 209 7.95 -3.84 22.74
CA GLY B 209 7.02 -2.78 23.06
C GLY B 209 5.62 -3.24 22.68
N PRO B 210 4.61 -2.76 23.43
CA PRO B 210 3.22 -2.78 22.98
C PRO B 210 3.13 -2.52 21.48
N ILE B 211 2.20 -3.22 20.81
CA ILE B 211 1.99 -2.97 19.40
C ILE B 211 0.57 -2.50 19.16
N GLU B 212 0.43 -1.54 18.25
CA GLU B 212 -0.87 -1.03 17.84
C GLU B 212 -1.57 -1.92 16.81
N ARG B 213 -0.87 -2.32 15.75
CA ARG B 213 -1.33 -3.45 14.96
C ARG B 213 -0.17 -4.16 14.25
N ALA B 214 -0.39 -5.42 13.92
CA ALA B 214 0.48 -6.06 12.94
C ALA B 214 -0.32 -6.89 11.91
N VAL B 215 0.17 -6.83 10.66
CA VAL B 215 -0.56 -7.44 9.58
C VAL B 215 0.41 -8.10 8.63
N VAL B 216 0.08 -9.36 8.29
CA VAL B 216 0.60 -10.09 7.15
C VAL B 216 -0.15 -9.62 5.92
N ILE B 217 0.57 -9.25 4.87
CA ILE B 217 -0.18 -8.79 3.71
C ILE B 217 -0.54 -10.04 2.92
N VAL B 218 -1.65 -9.95 2.16
CA VAL B 218 -2.20 -11.09 1.45
C VAL B 218 -2.62 -10.67 0.04
N ASP B 219 -2.55 -11.60 -0.91
CA ASP B 219 -2.84 -11.31 -2.31
C ASP B 219 -4.33 -11.32 -2.54
N ASP B 220 -4.73 -11.11 -3.79
CA ASP B 220 -6.14 -11.18 -4.15
C ASP B 220 -6.74 -12.52 -3.71
N ARG B 221 -5.93 -13.57 -3.66
CA ARG B 221 -6.41 -14.88 -3.26
C ARG B 221 -6.07 -15.09 -1.80
N GLY B 222 -6.00 -13.98 -1.05
CA GLY B 222 -5.66 -13.95 0.37
C GLY B 222 -4.65 -15.03 0.76
N ARG B 223 -3.38 -14.86 0.36
CA ARG B 223 -2.32 -15.71 0.88
C ARG B 223 -1.13 -14.81 1.19
N SER B 224 -0.17 -15.37 1.98
CA SER B 224 0.99 -14.65 2.47
C SER B 224 1.73 -13.98 1.33
N THR B 225 2.19 -12.76 1.55
CA THR B 225 3.08 -12.24 0.55
C THR B 225 4.48 -12.24 1.12
N GLY B 226 4.73 -13.12 2.11
CA GLY B 226 6.01 -13.13 2.81
C GLY B 226 6.43 -11.76 3.35
N LYS B 227 5.47 -10.83 3.42
CA LYS B 227 5.71 -9.43 3.72
C LYS B 227 4.63 -8.92 4.68
N GLY B 228 5.12 -8.40 5.82
CA GLY B 228 4.30 -7.89 6.91
C GLY B 228 4.56 -6.41 7.20
N ILE B 229 3.82 -5.94 8.24
CA ILE B 229 3.75 -4.60 8.83
C ILE B 229 3.57 -4.71 10.34
N VAL B 230 4.23 -3.83 11.13
CA VAL B 230 4.08 -3.88 12.58
C VAL B 230 4.05 -2.45 13.14
N GLU B 231 2.87 -1.85 13.16
CA GLU B 231 2.72 -0.53 13.76
C GLU B 231 2.84 -0.69 15.27
N PHE B 232 3.81 0.05 15.82
CA PHE B 232 4.18 -0.07 17.20
C PHE B 232 3.56 1.02 18.04
N ALA B 233 3.43 0.69 19.33
CA ALA B 233 3.46 1.63 20.44
C ALA B 233 4.12 2.95 20.03
N SER B 234 5.46 2.98 20.12
CA SER B 234 6.29 4.17 20.10
C SER B 234 7.54 3.90 19.27
N LYS B 235 8.31 4.98 19.00
CA LYS B 235 9.47 4.98 18.10
C LYS B 235 10.62 4.19 18.75
N PRO B 236 10.75 4.22 20.09
CA PRO B 236 11.77 3.44 20.78
C PRO B 236 11.66 1.95 20.51
N ALA B 237 10.39 1.49 20.64
CA ALA B 237 9.87 0.16 20.41
C ALA B 237 10.21 -0.27 18.98
N ALA B 238 9.77 0.55 18.02
CA ALA B 238 10.13 0.25 16.64
C ALA B 238 11.65 0.26 16.45
N ARG B 239 12.37 1.19 17.11
CA ARG B 239 13.82 1.30 17.01
C ARG B 239 14.53 0.07 17.62
N LYS B 240 14.23 -0.30 18.88
CA LYS B 240 14.84 -1.54 19.40
C LYS B 240 14.41 -2.74 18.55
N ALA B 241 13.18 -2.73 18.04
CA ALA B 241 12.75 -3.83 17.20
C ALA B 241 13.65 -3.88 15.96
N PHE B 242 13.90 -2.72 15.36
CA PHE B 242 14.75 -2.65 14.18
C PHE B 242 16.16 -3.14 14.49
N GLU B 243 16.79 -2.47 15.46
CA GLU B 243 18.14 -2.78 15.87
C GLU B 243 18.27 -4.28 16.03
N ARG B 244 17.44 -4.87 16.89
CA ARG B 244 17.62 -6.25 17.32
C ARG B 244 17.39 -7.21 16.15
N CYS B 245 17.00 -6.69 14.98
CA CYS B 245 16.62 -7.62 13.94
C CYS B 245 17.52 -7.51 12.73
N SER B 246 18.01 -6.30 12.46
CA SER B 246 19.17 -6.16 11.58
C SER B 246 20.36 -6.84 12.24
N GLU B 247 20.70 -6.43 13.47
CA GLU B 247 21.86 -6.88 14.24
C GLU B 247 21.76 -8.38 14.56
N GLY B 248 20.62 -8.84 15.06
CA GLY B 248 20.51 -10.25 15.37
C GLY B 248 19.83 -11.01 14.23
N VAL B 249 19.39 -12.21 14.55
CA VAL B 249 18.71 -13.06 13.59
C VAL B 249 17.47 -13.57 14.29
N PHE B 250 16.36 -12.93 13.95
CA PHE B 250 15.07 -13.26 14.52
C PHE B 250 14.44 -14.32 13.64
N LEU B 251 13.88 -15.35 14.27
CA LEU B 251 13.02 -16.16 13.41
C LEU B 251 11.84 -16.77 14.18
N LEU B 252 10.85 -17.18 13.39
CA LEU B 252 9.46 -17.12 13.73
C LEU B 252 8.81 -18.51 13.65
N THR B 253 9.33 -19.31 12.74
CA THR B 253 8.81 -20.65 12.62
C THR B 253 9.98 -21.59 12.86
N THR B 254 9.77 -22.85 12.51
CA THR B 254 10.82 -23.80 12.83
C THR B 254 11.93 -23.68 11.80
N THR B 255 11.53 -23.62 10.52
CA THR B 255 12.48 -23.68 9.43
C THR B 255 13.06 -22.29 9.21
N PRO B 256 14.38 -22.11 9.43
CA PRO B 256 14.96 -20.78 9.66
C PRO B 256 14.84 -19.79 8.50
N ARG B 257 13.95 -18.82 8.68
CA ARG B 257 13.92 -17.69 7.78
C ARG B 257 14.01 -16.46 8.68
N PRO B 258 15.18 -15.79 8.69
CA PRO B 258 15.34 -14.49 9.34
C PRO B 258 14.24 -13.56 8.89
N VAL B 259 13.83 -12.68 9.81
CA VAL B 259 12.88 -11.66 9.43
C VAL B 259 13.64 -10.37 9.12
N ILE B 260 13.19 -9.74 8.03
CA ILE B 260 13.87 -8.57 7.54
C ILE B 260 13.06 -7.35 7.90
N VAL B 261 13.26 -6.86 9.10
CA VAL B 261 12.72 -5.56 9.47
C VAL B 261 13.51 -4.49 8.71
N GLU B 262 12.76 -3.62 8.03
CA GLU B 262 13.24 -2.30 7.62
C GLU B 262 12.18 -1.28 8.00
N PRO B 263 12.47 0.05 7.98
CA PRO B 263 11.41 1.01 8.24
C PRO B 263 10.46 0.70 7.09
N LEU B 264 9.19 1.00 7.32
CA LEU B 264 8.24 1.03 6.22
C LEU B 264 7.88 2.50 6.01
N GLU B 265 7.93 2.96 4.76
CA GLU B 265 7.68 4.37 4.47
C GLU B 265 6.22 4.53 4.07
N GLN B 266 5.72 5.73 4.40
CA GLN B 266 4.32 5.97 4.59
C GLN B 266 3.78 6.63 3.32
N LEU B 267 2.64 6.13 2.82
CA LEU B 267 1.99 6.80 1.70
C LEU B 267 0.49 6.53 1.58
N ASP B 268 -0.19 7.53 1.01
CA ASP B 268 -1.63 7.72 0.99
C ASP B 268 -2.19 7.40 -0.39
N ASP B 269 -2.79 6.22 -0.50
CA ASP B 269 -3.47 5.82 -1.73
C ASP B 269 -4.94 6.22 -1.65
N GLU B 270 -5.30 6.97 -0.58
CA GLU B 270 -6.67 7.30 -0.21
C GLU B 270 -7.02 8.71 -0.67
N ASP B 271 -6.84 9.71 0.19
CA ASP B 271 -7.27 11.06 -0.15
C ASP B 271 -6.42 11.57 -1.31
N GLY B 272 -5.15 11.12 -1.37
CA GLY B 272 -4.18 11.49 -2.39
C GLY B 272 -3.93 13.00 -2.52
N LEU B 273 -3.84 13.46 -3.77
CA LEU B 273 -3.54 14.86 -4.02
C LEU B 273 -4.67 15.53 -4.78
N PRO B 274 -5.51 16.31 -4.09
CA PRO B 274 -6.51 17.17 -4.73
C PRO B 274 -6.00 18.44 -5.40
N GLU B 275 -6.61 18.77 -6.55
CA GLU B 275 -6.39 20.04 -7.23
C GLU B 275 -6.61 21.15 -6.22
N LYS B 276 -7.54 20.90 -5.30
CA LYS B 276 -7.90 21.79 -4.21
C LYS B 276 -6.67 22.62 -3.84
N LEU B 277 -5.60 21.91 -3.49
CA LEU B 277 -4.45 22.54 -2.89
C LEU B 277 -3.25 22.29 -3.76
N ALA B 278 -3.50 21.58 -4.87
CA ALA B 278 -2.57 21.53 -5.99
C ALA B 278 -2.34 22.94 -6.52
N GLN B 279 -3.30 23.86 -6.30
CA GLN B 279 -3.09 25.26 -6.64
C GLN B 279 -1.82 25.78 -5.97
N LYS B 280 -1.85 25.74 -4.62
CA LYS B 280 -1.19 26.70 -3.76
C LYS B 280 0.33 26.50 -3.71
N ASN B 281 0.86 25.68 -4.64
CA ASN B 281 2.29 25.65 -4.99
C ASN B 281 2.52 26.74 -6.04
N PRO B 282 3.76 27.24 -6.28
CA PRO B 282 3.98 28.21 -7.36
C PRO B 282 3.19 27.95 -8.66
N MET B 283 3.65 27.05 -9.54
CA MET B 283 3.14 27.05 -10.92
C MET B 283 2.35 25.78 -11.23
N TYR B 284 1.08 25.76 -10.81
CA TYR B 284 0.16 24.76 -11.30
C TYR B 284 -0.12 25.01 -12.79
N GLN B 285 -0.48 26.25 -13.13
CA GLN B 285 -0.93 26.61 -14.46
C GLN B 285 0.18 26.30 -15.46
N LYS B 286 1.36 26.86 -15.20
CA LYS B 286 2.48 26.84 -16.13
C LYS B 286 2.46 25.47 -16.82
N GLU B 287 2.33 24.43 -15.99
CA GLU B 287 2.39 23.04 -16.41
C GLU B 287 1.04 22.58 -16.96
N ARG B 288 -0.06 23.01 -16.31
CA ARG B 288 -1.36 22.49 -16.66
C ARG B 288 -1.86 23.21 -17.91
N GLU B 289 -1.10 24.24 -18.33
CA GLU B 289 -1.39 25.04 -19.51
C GLU B 289 -1.70 24.15 -20.71
N THR B 290 -0.72 23.36 -21.15
CA THR B 290 -1.01 22.25 -22.04
C THR B 290 -1.98 21.24 -21.41
N PRO B 291 -2.94 20.71 -22.20
CA PRO B 291 -3.89 19.73 -21.69
C PRO B 291 -3.56 18.30 -22.08
N PRO B 292 -3.86 17.32 -21.20
CA PRO B 292 -3.68 15.89 -21.47
C PRO B 292 -3.95 15.38 -22.88
N ARG B 293 -2.90 14.85 -23.50
CA ARG B 293 -2.84 14.62 -24.93
C ARG B 293 -1.91 13.45 -25.24
N PHE B 294 -2.04 12.92 -26.47
CA PHE B 294 -1.02 12.06 -27.02
C PHE B 294 0.14 12.90 -27.57
N ALA B 295 1.24 12.22 -27.94
CA ALA B 295 2.41 12.91 -28.44
C ALA B 295 2.39 12.86 -29.96
N GLN B 296 3.08 13.82 -30.58
CA GLN B 296 3.01 14.02 -32.03
C GLN B 296 3.95 13.03 -32.73
N HIS B 297 3.33 12.06 -33.45
CA HIS B 297 3.93 10.90 -34.11
C HIS B 297 5.22 11.29 -34.84
N GLY B 298 5.54 12.58 -34.82
CA GLY B 298 6.79 13.10 -35.37
C GLY B 298 7.82 13.31 -34.26
N THR B 299 7.53 14.30 -33.38
CA THR B 299 8.47 14.82 -32.41
C THR B 299 7.77 15.92 -31.62
N PHE B 300 8.54 16.71 -30.88
CA PHE B 300 9.84 16.29 -30.37
C PHE B 300 9.60 15.57 -29.05
N GLU B 301 8.84 16.27 -28.19
CA GLU B 301 8.23 15.67 -27.03
C GLU B 301 7.95 14.19 -27.25
N TYR B 302 7.58 13.79 -28.48
CA TYR B 302 7.34 12.38 -28.75
C TYR B 302 8.63 11.61 -28.56
N GLU B 303 9.70 12.11 -29.21
CA GLU B 303 10.94 11.36 -29.34
C GLU B 303 11.68 11.30 -28.01
N TYR B 304 11.87 12.44 -27.37
CA TYR B 304 12.40 12.42 -26.01
C TYR B 304 11.65 11.39 -25.15
N SER B 305 10.37 11.15 -25.48
CA SER B 305 9.46 10.35 -24.66
C SER B 305 9.57 8.85 -24.95
N GLN B 306 9.98 8.49 -26.17
CA GLN B 306 10.09 7.06 -26.43
C GLN B 306 11.47 6.61 -26.00
N ARG B 307 12.40 7.58 -25.92
CA ARG B 307 13.76 7.31 -25.51
C ARG B 307 13.86 7.22 -23.99
N TRP B 308 13.10 8.08 -23.29
CA TRP B 308 12.84 7.92 -21.87
C TRP B 308 12.19 6.56 -21.62
N LYS B 309 11.16 6.23 -22.41
CA LYS B 309 10.52 4.92 -22.37
C LYS B 309 11.56 3.81 -22.51
N SER B 310 12.52 3.98 -23.42
CA SER B 310 13.58 2.99 -23.58
C SER B 310 14.32 2.79 -22.26
N LEU B 311 14.95 3.85 -21.75
CA LEU B 311 15.76 3.76 -20.54
C LEU B 311 15.01 2.91 -19.54
N ASP B 312 13.70 3.14 -19.49
CA ASP B 312 12.83 2.54 -18.50
C ASP B 312 12.73 1.03 -18.73
N GLU B 313 12.36 0.59 -19.94
CA GLU B 313 12.13 -0.84 -20.16
C GLU B 313 13.42 -1.55 -19.76
N MET B 314 14.52 -0.80 -19.90
CA MET B 314 15.88 -1.24 -19.64
C MET B 314 16.15 -1.28 -18.14
N GLU B 315 15.74 -0.23 -17.40
CA GLU B 315 15.78 -0.24 -15.96
C GLU B 315 15.12 -1.51 -15.46
N LYS B 316 13.93 -1.80 -16.00
CA LYS B 316 13.15 -3.00 -15.72
C LYS B 316 14.02 -4.23 -15.92
N GLN B 317 14.29 -4.53 -17.18
CA GLN B 317 15.17 -5.64 -17.51
C GLN B 317 16.22 -5.86 -16.43
N GLN B 318 16.91 -4.79 -16.03
CA GLN B 318 18.02 -4.89 -15.08
C GLN B 318 17.53 -5.36 -13.73
N ARG B 319 16.60 -4.60 -13.11
CA ARG B 319 16.06 -4.96 -11.82
C ARG B 319 15.32 -6.30 -11.85
N GLU B 320 14.72 -6.64 -13.01
CA GLU B 320 14.05 -7.92 -13.22
C GLU B 320 15.06 -9.03 -12.94
N GLN B 321 16.27 -8.83 -13.45
CA GLN B 321 17.31 -9.83 -13.45
C GLN B 321 17.95 -9.92 -12.06
N VAL B 322 18.12 -8.78 -11.40
CA VAL B 322 18.81 -8.76 -10.11
C VAL B 322 18.06 -9.74 -9.23
N GLU B 323 16.73 -9.62 -9.30
CA GLU B 323 15.78 -10.44 -8.57
C GLU B 323 15.98 -11.92 -8.89
N LYS B 324 15.85 -12.33 -10.17
CA LYS B 324 15.96 -13.74 -10.54
C LYS B 324 17.33 -14.30 -10.16
N ASN B 325 18.37 -13.48 -10.31
CA ASN B 325 19.73 -13.85 -9.95
C ASN B 325 19.83 -14.26 -8.47
N MET B 326 19.37 -13.36 -7.61
CA MET B 326 19.66 -13.45 -6.20
C MET B 326 18.65 -14.40 -5.55
N LYS B 327 17.50 -14.57 -6.20
CA LYS B 327 16.55 -15.56 -5.72
C LYS B 327 17.13 -16.95 -5.97
N ASP B 328 17.81 -17.10 -7.11
CA ASP B 328 18.56 -18.31 -7.41
C ASP B 328 19.58 -18.54 -6.30
N ALA B 329 20.38 -17.53 -6.04
CA ALA B 329 21.36 -17.56 -4.97
C ALA B 329 20.79 -18.10 -3.67
N LYS B 330 19.74 -17.46 -3.16
CA LYS B 330 19.07 -17.88 -1.94
C LYS B 330 18.47 -19.28 -2.11
N ASP B 331 17.60 -19.45 -3.10
CA ASP B 331 16.93 -20.72 -3.33
C ASP B 331 17.91 -21.88 -3.27
N LYS B 332 19.14 -21.63 -3.71
CA LYS B 332 20.19 -22.64 -3.65
C LYS B 332 20.42 -22.99 -2.18
N LEU B 333 20.63 -21.95 -1.38
CA LEU B 333 21.34 -22.02 -0.12
C LEU B 333 20.84 -23.12 0.82
N GLU B 334 19.53 -23.17 1.07
CA GLU B 334 18.93 -24.16 1.96
C GLU B 334 19.69 -25.49 1.91
N SER B 335 19.85 -26.00 0.69
CA SER B 335 20.44 -27.31 0.44
C SER B 335 21.96 -27.28 0.51
N GLU B 336 22.62 -26.31 -0.15
CA GLU B 336 24.08 -26.21 -0.23
C GLU B 336 24.68 -25.79 1.11
N MET B 337 23.80 -25.60 2.09
CA MET B 337 24.23 -25.39 3.45
C MET B 337 24.24 -26.74 4.18
N GLU B 338 23.26 -27.60 3.85
CA GLU B 338 23.06 -28.93 4.44
C GLU B 338 24.24 -29.84 4.12
N ASP B 339 25.43 -29.24 3.93
CA ASP B 339 26.65 -29.90 3.51
C ASP B 339 27.87 -29.29 4.21
N ALA B 340 27.64 -28.20 4.95
CA ALA B 340 28.52 -27.81 6.05
C ALA B 340 28.21 -28.68 7.28
N TYR B 341 27.06 -29.37 7.26
CA TYR B 341 26.47 -30.10 8.38
C TYR B 341 26.36 -31.60 8.10
N HIS B 342 26.83 -32.08 6.93
CA HIS B 342 26.91 -33.51 6.66
C HIS B 342 28.29 -33.90 6.10
N GLU B 343 28.91 -33.02 5.31
CA GLU B 343 30.14 -33.36 4.60
C GLU B 343 31.37 -32.86 5.35
N HIS B 344 31.18 -32.01 6.38
CA HIS B 344 32.19 -31.66 7.37
C HIS B 344 31.97 -32.46 8.65
N GLN B 345 31.04 -33.44 8.57
CA GLN B 345 30.59 -34.22 9.70
C GLN B 345 30.65 -35.72 9.41
N ALA B 346 30.55 -36.12 8.14
CA ALA B 346 30.92 -37.48 7.78
C ALA B 346 32.40 -37.51 7.40
N ASN B 347 33.03 -36.33 7.45
CA ASN B 347 34.47 -36.11 7.28
C ASN B 347 35.20 -36.60 8.54
N LEU B 348 34.80 -36.10 9.70
CA LEU B 348 35.59 -36.23 10.91
C LEU B 348 35.35 -37.56 11.65
N LEU B 349 34.54 -38.50 11.09
CA LEU B 349 34.30 -39.81 11.72
C LEU B 349 35.42 -40.78 11.36
N ARG B 350 35.76 -40.91 10.07
CA ARG B 350 36.84 -41.79 9.63
C ARG B 350 38.15 -41.02 9.48
N GLN B 351 39.00 -41.15 10.50
CA GLN B 351 40.39 -40.71 10.50
C GLN B 351 41.10 -41.43 11.65
N ASP B 352 40.45 -41.36 12.82
CA ASP B 352 40.90 -41.94 14.09
C ASP B 352 40.80 -43.46 14.01
N LEU B 353 39.94 -43.94 13.10
CA LEU B 353 39.81 -45.36 12.77
C LEU B 353 41.05 -45.82 12.02
N MET B 354 42.23 -45.61 12.64
CA MET B 354 43.48 -46.32 12.41
C MET B 354 44.54 -45.84 13.40
N ARG B 355 44.48 -46.40 14.61
CA ARG B 355 45.50 -46.25 15.64
C ARG B 355 46.25 -47.58 15.77
N ARG B 356 46.17 -48.42 14.72
CA ARG B 356 46.81 -49.73 14.63
C ARG B 356 47.84 -49.72 13.50
#